data_5KKP
#
_entry.id   5KKP
#
_cell.length_a   56.356
_cell.length_b   73.400
_cell.length_c   138.179
_cell.angle_alpha   90.000
_cell.angle_beta   90.000
_cell.angle_gamma   90.000
#
_symmetry.space_group_name_H-M   'P 21 21 21'
#
loop_
_entity.id
_entity.type
_entity.pdbx_description
1 polymer 'Pseudouridylate synthase 7'
2 non-polymer 1,2-ETHANEDIOL
3 non-polymer 'UNKNOWN ATOM OR ION'
4 water water
#
_entity_poly.entity_id   1
_entity_poly.type   'polypeptide(L)'
_entity_poly.pdbx_seq_one_letter_code
;ESFAD(MSE)(MSE)KHGLTEADVGITKFVSSHQGFSGILKERYSDFVVHEIGKDGRISHLNDLSIPVDEEDPSEDIFTV
LTAEEKQRLEELQLFKNKETSVAIEVIEDTKEKRTIIHQAIKSLFPGLETKTEDREGKKYIVAYHAAGKKALANPRKHSW
PKSRGSYCHFVLYKENKDT(MSE)DAINVLSKYLRVKPNIFSY(MSE)GTKDKRAITVQEIAVLKITAQRLAHLNKCL
(MSE)NFKLGNFSYQKNPLKLGELQGNHFTVVLRNITGTDDQVQQA(MSE)NSLKEIGFINYYG(MSE)QRFGTTAVPTY
QVGRAILQNSWTEV(MSE)DLILKPRSGAEKGYLVKCREEWAKTKDPTAALRKLPVKRCVEGQLLRGLSKYG(MSE)KNI
VSAFGIIPRNNRL(MSE)YIHSYQSYVWNN(MSE)VSKRIEDYGLKPVPGDLVLKGATATYIEEDDVNNYSIHDVV
(MSE)PLPGFDVIYPKHKIQEAYRE(MSE)LTADNLDIDN(MSE)RHKIRDYSLSGAYRKIIIRPQNVSWEVVAYDDPKI
PLFNTDVDNLEGKTPPVFASEGKYRALK(MSE)DFSLPPSTYAT(MSE)AIREVLK(MSE)DTSIKNQTQLNTTWLR
;
_entity_poly.pdbx_strand_id   A
#
# COMPACT_ATOMS: atom_id res chain seq x y z
N GLY A 10 4.88 -22.99 1.29
CA GLY A 10 3.92 -23.99 0.82
C GLY A 10 3.38 -23.70 -0.58
N LEU A 11 2.81 -22.50 -0.76
CA LEU A 11 2.29 -22.07 -2.06
C LEU A 11 3.46 -21.50 -2.89
N THR A 12 3.74 -22.11 -4.05
CA THR A 12 4.81 -21.67 -4.93
C THR A 12 4.25 -20.76 -6.03
N GLU A 13 5.17 -20.14 -6.80
CA GLU A 13 4.88 -19.31 -7.96
C GLU A 13 4.18 -20.15 -9.06
N ALA A 14 4.61 -21.41 -9.24
CA ALA A 14 4.06 -22.35 -10.23
C ALA A 14 2.60 -22.68 -9.93
N ASP A 15 2.26 -22.74 -8.64
CA ASP A 15 0.89 -23.01 -8.18
C ASP A 15 -0.10 -21.91 -8.59
N VAL A 16 0.40 -20.66 -8.77
CA VAL A 16 -0.45 -19.51 -9.09
C VAL A 16 -0.15 -18.95 -10.50
N GLY A 17 0.43 -19.79 -11.34
CA GLY A 17 0.71 -19.54 -12.75
C GLY A 17 1.81 -18.57 -13.07
N ILE A 18 2.74 -18.37 -12.13
CA ILE A 18 3.90 -17.50 -12.30
C ILE A 18 5.07 -18.44 -12.74
N THR A 19 5.30 -18.56 -14.06
CA THR A 19 6.32 -19.48 -14.57
C THR A 19 7.27 -18.92 -15.62
N LYS A 20 6.93 -17.80 -16.28
CA LYS A 20 7.76 -17.29 -17.39
C LYS A 20 8.61 -16.07 -17.03
N PHE A 21 9.60 -15.76 -17.91
CA PHE A 21 10.53 -14.64 -17.77
C PHE A 21 10.65 -13.93 -19.10
N VAL A 22 11.11 -12.66 -19.07
CA VAL A 22 11.32 -11.83 -20.26
C VAL A 22 12.73 -12.06 -20.79
N SER A 23 13.73 -11.83 -19.95
CA SER A 23 15.12 -11.95 -20.28
C SER A 23 15.53 -13.43 -20.39
N SER A 24 16.57 -13.68 -21.19
CA SER A 24 17.17 -14.99 -21.39
C SER A 24 18.44 -15.12 -20.49
N HIS A 25 18.77 -14.11 -19.67
CA HIS A 25 19.99 -14.17 -18.83
C HIS A 25 19.93 -15.29 -17.78
N GLN A 26 21.08 -15.80 -17.39
CA GLN A 26 21.23 -16.82 -16.37
C GLN A 26 20.85 -16.18 -15.01
N GLY A 27 19.96 -16.83 -14.27
CA GLY A 27 19.56 -16.36 -12.95
C GLY A 27 20.70 -16.35 -11.93
N PHE A 28 20.48 -15.65 -10.81
CA PHE A 28 21.43 -15.57 -9.70
C PHE A 28 20.66 -15.31 -8.39
N SER A 29 21.32 -15.50 -7.26
CA SER A 29 20.68 -15.33 -5.96
C SER A 29 20.89 -13.91 -5.39
N GLY A 30 19.99 -13.52 -4.49
CA GLY A 30 19.98 -12.24 -3.80
C GLY A 30 18.90 -12.21 -2.75
N ILE A 31 19.16 -11.55 -1.62
CA ILE A 31 18.20 -11.46 -0.51
C ILE A 31 17.36 -10.17 -0.59
N LEU A 32 16.05 -10.33 -0.57
CA LEU A 32 15.07 -9.25 -0.62
C LEU A 32 14.47 -8.96 0.78
N LYS A 33 14.37 -7.67 1.17
N LYS A 33 14.36 -7.66 1.17
CA LYS A 33 13.80 -7.21 2.46
CA LYS A 33 13.80 -7.20 2.46
C LYS A 33 14.44 -7.91 3.68
C LYS A 33 14.44 -7.91 3.68
N GLU A 34 15.77 -7.90 3.76
CA GLU A 34 16.51 -8.51 4.87
C GLU A 34 16.32 -7.59 6.11
N ARG A 35 16.30 -6.27 5.85
CA ARG A 35 16.02 -5.15 6.73
C ARG A 35 14.94 -4.36 5.98
N TYR A 36 13.98 -3.76 6.71
CA TYR A 36 12.91 -2.99 6.09
C TYR A 36 13.45 -1.72 5.39
N SER A 37 14.67 -1.28 5.78
CA SER A 37 15.38 -0.15 5.17
C SER A 37 16.01 -0.48 3.79
N ASP A 38 16.02 -1.77 3.38
CA ASP A 38 16.49 -2.23 2.07
C ASP A 38 15.35 -2.16 1.04
N PHE A 39 14.16 -1.73 1.46
CA PHE A 39 13.02 -1.65 0.54
C PHE A 39 12.27 -0.38 0.86
N VAL A 40 12.45 0.63 0.02
CA VAL A 40 11.88 1.97 0.22
C VAL A 40 10.96 2.37 -0.93
N VAL A 41 9.77 2.87 -0.58
CA VAL A 41 8.71 3.23 -1.53
C VAL A 41 8.31 4.68 -1.38
N HIS A 42 8.32 5.43 -2.48
CA HIS A 42 7.88 6.83 -2.50
C HIS A 42 6.76 6.95 -3.52
N GLU A 43 5.58 7.30 -3.06
CA GLU A 43 4.42 7.41 -3.94
C GLU A 43 4.59 8.49 -5.03
N ILE A 44 4.10 8.22 -6.25
CA ILE A 44 4.07 9.16 -7.36
C ILE A 44 2.61 9.67 -7.45
N GLY A 45 2.40 10.93 -7.06
CA GLY A 45 1.08 11.54 -7.03
C GLY A 45 0.39 11.72 -8.38
N LYS A 46 -0.88 12.17 -8.35
CA LYS A 46 -1.74 12.44 -9.54
C LYS A 46 -1.02 13.37 -10.54
N ASP A 47 -0.31 14.40 -10.02
CA ASP A 47 0.44 15.43 -10.73
C ASP A 47 1.91 15.07 -11.06
N GLY A 48 2.34 13.86 -10.73
CA GLY A 48 3.71 13.40 -10.97
C GLY A 48 4.72 13.64 -9.84
N ARG A 49 4.34 14.39 -8.79
CA ARG A 49 5.23 14.68 -7.66
C ARG A 49 5.57 13.39 -6.87
N ILE A 50 6.84 13.21 -6.51
CA ILE A 50 7.27 12.02 -5.78
C ILE A 50 7.39 12.38 -4.30
N SER A 51 6.36 12.01 -3.53
CA SER A 51 6.24 12.27 -2.08
C SER A 51 7.50 11.93 -1.30
N HIS A 52 8.04 12.94 -0.64
CA HIS A 52 9.18 12.86 0.27
C HIS A 52 8.84 13.65 1.52
N LEU A 53 9.24 13.15 2.70
CA LEU A 53 9.06 13.87 3.95
C LEU A 53 10.28 14.79 4.05
N ASN A 54 10.12 16.07 3.69
CA ASN A 54 11.29 16.96 3.64
C ASN A 54 11.05 18.38 4.19
N ASP A 55 9.84 18.67 4.69
CA ASP A 55 9.50 19.97 5.30
C ASP A 55 8.54 19.76 6.48
N LEU A 56 8.92 20.24 7.68
CA LEU A 56 8.08 20.10 8.89
C LEU A 56 7.37 21.41 9.30
N SER A 57 7.52 22.48 8.48
CA SER A 57 6.92 23.79 8.70
C SER A 57 5.40 23.74 8.72
N ILE A 58 4.80 24.60 9.55
CA ILE A 58 3.35 24.72 9.65
C ILE A 58 2.92 25.88 8.73
N PRO A 59 2.03 25.65 7.72
CA PRO A 59 1.61 26.75 6.82
C PRO A 59 0.96 27.92 7.54
N VAL A 60 1.24 29.16 7.07
CA VAL A 60 0.72 30.41 7.65
C VAL A 60 -0.65 30.76 7.08
N PRO A 65 3.33 36.85 17.47
CA PRO A 65 4.16 36.61 18.66
C PRO A 65 3.97 35.22 19.26
N SER A 66 2.72 34.68 19.17
CA SER A 66 2.33 33.36 19.65
C SER A 66 2.50 32.40 18.48
N GLU A 67 3.49 31.50 18.57
CA GLU A 67 3.75 30.51 17.52
C GLU A 67 2.64 29.42 17.47
N ASP A 68 2.70 28.51 16.48
CA ASP A 68 1.72 27.44 16.28
C ASP A 68 1.54 26.53 17.49
N ILE A 69 2.65 26.19 18.19
CA ILE A 69 2.63 25.33 19.38
C ILE A 69 1.85 25.94 20.57
N PHE A 70 2.12 27.23 20.93
CA PHE A 70 1.48 27.98 22.03
C PHE A 70 -0.01 28.14 21.78
N THR A 71 -0.39 28.35 20.50
CA THR A 71 -1.77 28.49 20.05
C THR A 71 -2.50 27.16 20.24
N VAL A 72 -1.79 26.03 19.98
CA VAL A 72 -2.33 24.68 20.16
C VAL A 72 -2.45 24.39 21.67
N LEU A 73 -1.41 24.81 22.45
CA LEU A 73 -1.30 24.68 23.90
C LEU A 73 -2.42 25.46 24.62
N THR A 74 -2.76 26.66 24.11
CA THR A 74 -3.80 27.52 24.65
C THR A 74 -5.21 27.04 24.25
N ALA A 75 -5.37 26.51 23.00
CA ALA A 75 -6.64 25.96 22.51
C ALA A 75 -7.00 24.71 23.32
N GLU A 76 -5.98 23.88 23.62
CA GLU A 76 -6.11 22.67 24.43
C GLU A 76 -6.45 23.01 25.89
N GLU A 77 -6.09 24.23 26.35
CA GLU A 77 -6.37 24.72 27.70
C GLU A 77 -7.80 25.25 27.86
N LYS A 78 -8.30 26.00 26.84
CA LYS A 78 -9.64 26.59 26.81
C LYS A 78 -10.76 25.55 26.81
N GLN A 79 -10.44 24.31 26.35
CA GLN A 79 -11.37 23.18 26.30
C GLN A 79 -11.23 22.32 27.58
N ARG A 80 -10.20 21.44 27.62
CA ARG A 80 -9.92 20.55 28.75
C ARG A 80 -8.43 20.51 29.07
N THR A 92 -4.03 23.33 33.59
CA THR A 92 -4.22 24.35 34.62
C THR A 92 -3.90 25.75 34.10
N SER A 93 -2.69 25.94 33.52
CA SER A 93 -2.22 27.22 32.97
C SER A 93 -1.24 27.06 31.79
N VAL A 94 -1.17 28.10 30.93
CA VAL A 94 -0.27 28.17 29.77
C VAL A 94 0.67 29.40 29.94
N ALA A 95 1.95 29.15 30.26
CA ALA A 95 2.93 30.22 30.43
C ALA A 95 3.74 30.47 29.13
N ILE A 96 3.58 31.69 28.55
CA ILE A 96 4.27 32.13 27.33
C ILE A 96 5.46 33.05 27.71
N GLU A 97 6.68 32.63 27.34
CA GLU A 97 7.93 33.36 27.62
C GLU A 97 8.00 34.67 26.82
N VAL A 98 8.42 35.76 27.48
CA VAL A 98 8.59 37.09 26.87
C VAL A 98 10.06 37.29 26.49
N ILE A 99 10.40 36.93 25.23
CA ILE A 99 11.74 36.99 24.64
C ILE A 99 12.40 38.39 24.70
N GLU A 100 11.77 39.40 24.05
CA GLU A 100 12.27 40.77 24.05
C GLU A 100 11.32 41.64 24.88
N ASP A 101 11.54 41.63 26.21
CA ASP A 101 10.72 42.31 27.21
C ASP A 101 10.60 43.83 27.05
N THR A 102 9.34 44.30 27.01
CA THR A 102 8.93 45.70 26.91
C THR A 102 7.46 45.80 27.33
N LYS A 103 7.04 46.93 27.96
CA LYS A 103 5.66 47.17 28.40
C LYS A 103 4.66 47.02 27.24
N GLU A 104 5.04 47.54 26.04
CA GLU A 104 4.24 47.45 24.81
C GLU A 104 4.26 46.01 24.27
N LYS A 105 5.41 45.31 24.35
CA LYS A 105 5.57 43.93 23.87
C LYS A 105 4.75 42.90 24.67
N ARG A 106 4.62 43.11 26.01
CA ARG A 106 3.87 42.25 26.92
C ARG A 106 2.37 42.41 26.71
N THR A 107 1.89 43.68 26.63
CA THR A 107 0.47 44.04 26.40
C THR A 107 0.01 43.50 25.04
N ILE A 108 0.92 43.48 24.04
CA ILE A 108 0.67 42.95 22.70
C ILE A 108 0.29 41.46 22.81
N ILE A 109 1.05 40.68 23.64
CA ILE A 109 0.83 39.25 23.90
C ILE A 109 -0.49 39.06 24.65
N HIS A 110 -0.77 39.92 25.66
CA HIS A 110 -2.03 39.89 26.41
C HIS A 110 -3.23 40.01 25.44
N GLN A 111 -3.14 40.95 24.49
CA GLN A 111 -4.17 41.22 23.47
C GLN A 111 -4.21 40.14 22.37
N ALA A 112 -3.05 39.61 21.95
CA ALA A 112 -2.95 38.56 20.93
C ALA A 112 -3.48 37.23 21.48
N ILE A 113 -3.29 36.97 22.80
CA ILE A 113 -3.81 35.78 23.49
C ILE A 113 -5.31 35.94 23.63
N LYS A 114 -5.79 37.18 23.91
CA LYS A 114 -7.22 37.53 24.05
C LYS A 114 -8.05 37.27 22.78
N SER A 115 -7.38 37.15 21.61
CA SER A 115 -8.00 36.84 20.32
C SER A 115 -8.39 35.36 20.31
N LEU A 116 -7.41 34.46 20.57
CA LEU A 116 -7.60 33.00 20.62
C LEU A 116 -7.93 32.51 22.06
N PHE A 117 -8.48 33.40 22.91
CA PHE A 117 -8.87 33.09 24.28
C PHE A 117 -10.39 33.23 24.45
N PRO A 118 -11.20 32.15 24.26
CA PRO A 118 -12.65 32.27 24.45
C PRO A 118 -12.97 32.52 25.93
N GLY A 119 -12.52 31.61 26.80
CA GLY A 119 -12.68 31.69 28.25
C GLY A 119 -11.36 31.53 28.97
N LEU A 120 -10.43 32.49 28.75
CA LEU A 120 -9.11 32.47 29.36
C LEU A 120 -8.71 33.83 29.96
N GLU A 121 -8.19 33.80 31.20
CA GLU A 121 -7.68 34.95 31.95
C GLU A 121 -6.18 35.08 31.64
N THR A 122 -5.62 36.29 31.70
CA THR A 122 -4.20 36.52 31.37
C THR A 122 -3.50 37.39 32.44
N LYS A 123 -2.28 36.97 32.85
CA LYS A 123 -1.48 37.65 33.88
C LYS A 123 0.03 37.64 33.59
N THR A 124 0.70 38.79 33.81
CA THR A 124 2.14 38.94 33.64
C THR A 124 2.81 38.48 34.94
N GLU A 125 3.82 37.59 34.83
CA GLU A 125 4.61 37.10 35.94
C GLU A 125 6.09 37.33 35.70
N ASP A 126 6.81 37.83 36.72
CA ASP A 126 8.26 37.99 36.68
C ASP A 126 8.83 36.88 37.56
N ARG A 127 9.28 35.79 36.91
CA ARG A 127 9.82 34.60 37.55
C ARG A 127 11.35 34.70 37.61
N GLU A 128 11.87 35.41 38.63
CA GLU A 128 13.30 35.65 38.87
C GLU A 128 14.03 36.17 37.62
N GLY A 129 13.61 37.35 37.16
CA GLY A 129 14.18 37.99 35.97
C GLY A 129 13.50 37.64 34.66
N LYS A 130 13.17 36.33 34.45
CA LYS A 130 12.49 35.84 33.25
C LYS A 130 10.99 36.15 33.34
N LYS A 131 10.47 36.89 32.35
CA LYS A 131 9.07 37.30 32.36
C LYS A 131 8.19 36.41 31.51
N TYR A 132 6.94 36.19 31.98
CA TYR A 132 5.95 35.35 31.28
C TYR A 132 4.56 35.99 31.26
N ILE A 133 3.77 35.62 30.24
CA ILE A 133 2.35 35.97 30.15
C ILE A 133 1.66 34.61 30.38
N VAL A 134 0.99 34.46 31.52
CA VAL A 134 0.37 33.21 31.98
C VAL A 134 -1.14 33.22 31.76
N ALA A 135 -1.63 32.23 30.98
CA ALA A 135 -3.03 32.04 30.61
C ALA A 135 -3.73 31.07 31.59
N TYR A 136 -4.82 31.54 32.21
CA TYR A 136 -5.63 30.80 33.21
C TYR A 136 -7.09 30.68 32.71
N HIS A 137 -7.97 29.97 33.45
CA HIS A 137 -9.39 29.83 33.12
C HIS A 137 -10.28 29.67 34.36
N TRP A 152 -12.46 27.27 11.51
CA TRP A 152 -11.90 26.93 10.20
C TRP A 152 -12.37 27.94 9.10
N PRO A 153 -11.46 28.79 8.58
CA PRO A 153 -11.85 29.75 7.53
C PRO A 153 -12.31 29.10 6.22
N LYS A 154 -13.32 29.70 5.56
CA LYS A 154 -13.88 29.24 4.28
C LYS A 154 -12.91 29.54 3.12
N SER A 155 -11.95 30.45 3.35
CA SER A 155 -10.87 30.84 2.42
C SER A 155 -9.86 29.67 2.29
N ARG A 156 -9.65 28.94 3.39
CA ARG A 156 -8.75 27.82 3.54
C ARG A 156 -9.48 26.54 3.17
N GLY A 157 -8.90 25.76 2.24
CA GLY A 157 -9.45 24.47 1.81
C GLY A 157 -9.74 23.56 2.98
N SER A 158 -10.82 22.76 2.86
CA SER A 158 -11.34 21.88 3.92
C SER A 158 -10.42 20.73 4.33
N TYR A 159 -9.46 20.39 3.49
CA TYR A 159 -8.58 19.25 3.68
C TYR A 159 -7.14 19.59 3.92
N CYS A 160 -6.61 19.07 5.02
CA CYS A 160 -5.18 19.20 5.23
C CYS A 160 -4.53 18.01 4.54
N HIS A 161 -3.66 18.26 3.55
CA HIS A 161 -2.88 17.21 2.88
C HIS A 161 -1.50 17.15 3.56
N PHE A 162 -0.92 15.96 3.62
CA PHE A 162 0.37 15.79 4.28
C PHE A 162 1.00 14.51 3.82
N VAL A 163 2.30 14.37 4.08
CA VAL A 163 3.09 13.20 3.75
C VAL A 163 3.19 12.31 5.00
N LEU A 164 2.92 11.02 4.83
CA LEU A 164 3.04 10.03 5.88
C LEU A 164 4.20 9.11 5.54
N TYR A 165 5.22 9.15 6.39
CA TYR A 165 6.42 8.33 6.34
C TYR A 165 6.19 7.24 7.39
N LYS A 166 6.30 5.96 7.00
CA LYS A 166 6.10 4.84 7.92
C LYS A 166 7.16 3.76 7.76
N GLU A 167 7.48 3.07 8.86
CA GLU A 167 8.46 2.01 8.92
C GLU A 167 7.80 0.76 9.53
N ASN A 168 7.71 -0.34 8.74
CA ASN A 168 7.13 -1.62 9.16
C ASN A 168 5.66 -1.49 9.65
N LYS A 169 4.84 -0.74 8.90
CA LYS A 169 3.45 -0.47 9.28
C LYS A 169 2.56 -0.42 8.08
N ASP A 170 1.28 -0.77 8.28
CA ASP A 170 0.29 -0.68 7.22
C ASP A 170 -0.27 0.73 7.22
N THR A 171 -0.79 1.20 6.06
CA THR A 171 -1.40 2.54 5.91
C THR A 171 -2.58 2.71 6.88
N ASP A 173 -3.29 1.16 9.63
CA ASP A 173 -2.70 1.09 10.95
C ASP A 173 -2.29 2.50 11.37
N ALA A 174 -1.61 3.28 10.47
CA ALA A 174 -1.22 4.67 10.72
C ALA A 174 -2.46 5.55 10.87
N ILE A 175 -3.48 5.33 10.02
CA ILE A 175 -4.74 6.09 10.09
C ILE A 175 -5.46 5.84 11.43
N ASN A 176 -5.50 4.57 11.89
CA ASN A 176 -6.10 4.24 13.21
C ASN A 176 -5.39 4.92 14.36
N VAL A 177 -4.04 4.99 14.33
CA VAL A 177 -3.25 5.64 15.38
C VAL A 177 -3.58 7.14 15.44
N LEU A 178 -3.59 7.79 14.26
CA LEU A 178 -3.93 9.22 14.13
C LEU A 178 -5.38 9.51 14.51
N SER A 179 -6.31 8.62 14.13
CA SER A 179 -7.74 8.74 14.49
C SER A 179 -7.97 8.71 16.00
N LYS A 180 -7.31 7.77 16.72
CA LYS A 180 -7.45 7.69 18.18
C LYS A 180 -6.78 8.86 18.88
N TYR A 181 -5.62 9.33 18.39
CA TYR A 181 -4.94 10.48 19.01
C TYR A 181 -5.72 11.78 18.82
N LEU A 182 -6.30 12.01 17.63
CA LEU A 182 -7.06 13.22 17.29
C LEU A 182 -8.54 13.15 17.68
N ARG A 183 -8.99 11.98 18.18
CA ARG A 183 -10.37 11.70 18.64
C ARG A 183 -11.36 11.88 17.48
N VAL A 184 -10.98 11.34 16.31
CA VAL A 184 -11.76 11.41 15.08
C VAL A 184 -12.00 10.01 14.58
N LYS A 185 -12.91 9.88 13.61
CA LYS A 185 -13.21 8.59 12.99
C LYS A 185 -12.26 8.40 11.76
N PRO A 186 -11.70 7.18 11.56
CA PRO A 186 -10.80 6.95 10.42
C PRO A 186 -11.29 7.36 9.02
N ASN A 187 -12.60 7.52 8.78
CA ASN A 187 -13.12 7.85 7.43
C ASN A 187 -13.01 9.32 7.03
N ILE A 188 -12.52 10.18 7.92
CA ILE A 188 -12.22 11.57 7.55
C ILE A 188 -10.83 11.64 6.83
N PHE A 189 -10.06 10.52 6.83
CA PHE A 189 -8.75 10.38 6.19
C PHE A 189 -8.90 9.74 4.81
N SER A 190 -8.12 10.19 3.84
CA SER A 190 -8.16 9.59 2.50
C SER A 190 -6.75 9.39 1.98
N TYR A 191 -6.58 8.45 1.04
CA TYR A 191 -5.27 8.11 0.49
C TYR A 191 -5.46 7.59 -0.94
N GLY A 193 -3.67 4.90 -2.20
CA GLY A 193 -3.35 3.49 -2.14
C GLY A 193 -2.67 3.14 -0.86
N THR A 194 -2.67 1.85 -0.54
CA THR A 194 -2.00 1.33 0.64
C THR A 194 -0.60 1.00 0.20
N LYS A 195 0.36 1.09 1.12
CA LYS A 195 1.73 0.78 0.79
C LYS A 195 2.19 -0.38 1.68
N ASP A 196 3.14 -1.19 1.16
CA ASP A 196 3.75 -2.36 1.84
C ASP A 196 4.07 -2.10 3.29
N LYS A 197 3.78 -3.09 4.11
CA LYS A 197 4.08 -3.05 5.54
C LYS A 197 5.61 -3.19 5.71
N ARG A 198 6.21 -4.33 5.28
CA ARG A 198 7.67 -4.58 5.47
C ARG A 198 8.46 -3.77 4.47
N ALA A 199 8.71 -2.51 4.85
CA ALA A 199 9.36 -1.51 4.01
C ALA A 199 9.32 -0.20 4.73
N ILE A 200 10.02 0.79 4.16
CA ILE A 200 9.94 2.18 4.56
C ILE A 200 9.15 2.79 3.42
N THR A 201 7.98 3.36 3.73
CA THR A 201 7.15 3.93 2.68
C THR A 201 6.78 5.36 2.97
N VAL A 202 6.57 6.13 1.89
CA VAL A 202 6.20 7.55 1.96
C VAL A 202 5.03 7.79 0.97
N GLN A 203 3.95 8.41 1.45
CA GLN A 203 2.77 8.67 0.65
C GLN A 203 2.05 9.90 1.12
N GLU A 204 1.18 10.39 0.26
CA GLU A 204 0.33 11.52 0.57
C GLU A 204 -1.00 11.02 1.24
N ILE A 205 -1.47 11.74 2.26
CA ILE A 205 -2.73 11.50 3.01
C ILE A 205 -3.52 12.85 3.04
N ALA A 206 -4.86 12.80 3.07
CA ALA A 206 -5.69 14.00 3.26
C ALA A 206 -6.63 13.75 4.44
N VAL A 207 -6.88 14.79 5.22
CA VAL A 207 -7.74 14.71 6.39
C VAL A 207 -8.68 15.91 6.41
N LEU A 208 -9.97 15.67 6.62
CA LEU A 208 -10.97 16.73 6.68
C LEU A 208 -10.90 17.52 7.99
N LYS A 209 -10.67 18.82 7.87
CA LYS A 209 -10.70 19.86 8.92
C LYS A 209 -9.92 19.56 10.22
N ILE A 210 -8.63 19.26 10.06
CA ILE A 210 -7.65 19.08 11.14
C ILE A 210 -6.52 19.99 10.72
N THR A 211 -6.05 20.84 11.63
CA THR A 211 -4.96 21.77 11.34
C THR A 211 -3.63 21.05 11.27
N ALA A 212 -2.71 21.61 10.47
CA ALA A 212 -1.34 21.14 10.29
C ALA A 212 -0.60 21.09 11.64
N GLN A 213 -0.82 22.10 12.53
CA GLN A 213 -0.23 22.17 13.88
C GLN A 213 -0.65 20.97 14.73
N ARG A 214 -1.96 20.59 14.69
N ARG A 214 -1.95 20.59 14.69
CA ARG A 214 -2.48 19.42 15.41
CA ARG A 214 -2.44 19.42 15.44
C ARG A 214 -1.79 18.12 14.99
C ARG A 214 -1.79 18.11 14.99
N LEU A 215 -1.49 17.98 13.67
CA LEU A 215 -0.83 16.79 13.10
C LEU A 215 0.65 16.77 13.48
N ALA A 216 1.37 17.91 13.25
CA ALA A 216 2.78 18.10 13.55
C ALA A 216 3.08 17.83 15.03
N HIS A 217 2.16 18.23 15.96
CA HIS A 217 2.32 18.00 17.40
C HIS A 217 2.44 16.51 17.74
N LEU A 218 1.74 15.64 16.98
CA LEU A 218 1.75 14.19 17.15
C LEU A 218 3.07 13.52 16.86
N ASN A 219 3.99 14.17 16.11
CA ASN A 219 5.30 13.59 15.78
C ASN A 219 6.16 13.21 16.99
N LYS A 220 6.03 13.97 18.12
CA LYS A 220 6.77 13.75 19.37
C LYS A 220 6.45 12.41 20.06
N CYS A 221 5.25 11.86 19.82
CA CYS A 221 4.82 10.59 20.42
C CYS A 221 4.57 9.47 19.39
N LEU A 222 4.85 9.69 18.09
CA LEU A 222 4.69 8.63 17.08
C LEU A 222 6.07 8.00 16.85
N ASN A 224 6.94 4.73 14.85
CA ASN A 224 7.22 4.15 13.54
C ASN A 224 6.61 4.92 12.36
N PHE A 225 6.14 6.17 12.62
CA PHE A 225 5.57 7.06 11.60
C PHE A 225 5.92 8.49 11.93
N LYS A 226 6.02 9.31 10.89
CA LYS A 226 6.29 10.76 10.96
C LYS A 226 5.41 11.43 9.91
N LEU A 227 5.02 12.69 10.17
CA LEU A 227 4.16 13.51 9.31
C LEU A 227 4.81 14.82 8.97
N GLY A 228 4.59 15.28 7.74
CA GLY A 228 5.14 16.54 7.30
C GLY A 228 4.54 16.99 6.01
N ASN A 229 5.16 18.00 5.39
CA ASN A 229 4.79 18.58 4.08
C ASN A 229 3.31 18.92 4.04
N PHE A 230 2.89 19.73 5.01
CA PHE A 230 1.50 20.14 5.18
C PHE A 230 1.07 21.23 4.21
N SER A 231 -0.15 21.10 3.69
CA SER A 231 -0.84 22.08 2.85
C SER A 231 -2.35 21.94 3.07
N TYR A 232 -3.12 22.99 2.74
CA TYR A 232 -4.56 22.95 2.83
C TYR A 232 -5.09 23.00 1.44
N GLN A 233 -5.95 22.03 1.08
CA GLN A 233 -6.52 21.88 -0.26
C GLN A 233 -8.02 21.65 -0.22
N LYS A 234 -8.67 21.85 -1.38
CA LYS A 234 -10.11 21.72 -1.57
C LYS A 234 -10.66 20.31 -1.45
N ASN A 235 -9.95 19.31 -2.00
CA ASN A 235 -10.48 17.96 -2.08
C ASN A 235 -9.79 16.89 -1.29
N PRO A 236 -10.47 15.74 -1.05
CA PRO A 236 -9.77 14.60 -0.43
C PRO A 236 -8.96 13.89 -1.52
N LEU A 237 -8.26 12.80 -1.15
CA LEU A 237 -7.57 12.00 -2.17
C LEU A 237 -8.53 10.87 -2.63
N LYS A 238 -8.28 10.31 -3.82
CA LYS A 238 -9.11 9.25 -4.36
C LYS A 238 -8.27 8.04 -4.64
N LEU A 239 -8.76 6.85 -4.28
CA LEU A 239 -8.05 5.59 -4.46
C LEU A 239 -7.77 5.39 -5.93
N GLY A 240 -6.53 5.00 -6.26
CA GLY A 240 -6.11 4.74 -7.63
C GLY A 240 -5.79 5.95 -8.50
N GLU A 241 -5.83 7.15 -7.91
CA GLU A 241 -5.54 8.42 -8.58
C GLU A 241 -4.02 8.60 -8.80
N LEU A 242 -3.18 7.93 -7.99
CA LEU A 242 -1.71 7.99 -8.09
C LEU A 242 -1.20 7.55 -9.48
N GLN A 243 0.00 8.02 -9.86
CA GLN A 243 0.62 7.61 -11.11
C GLN A 243 1.43 6.35 -10.92
N GLY A 244 1.70 6.00 -9.67
CA GLY A 244 2.45 4.81 -9.33
C GLY A 244 3.32 5.01 -8.12
N ASN A 245 4.41 4.26 -8.03
CA ASN A 245 5.33 4.38 -6.91
C ASN A 245 6.76 4.27 -7.38
N HIS A 246 7.66 4.91 -6.66
CA HIS A 246 9.10 4.80 -6.94
C HIS A 246 9.74 3.87 -5.88
N PHE A 247 10.49 2.90 -6.34
CA PHE A 247 11.13 1.91 -5.47
C PHE A 247 12.64 2.06 -5.43
N THR A 248 13.22 1.93 -4.24
CA THR A 248 14.67 1.89 -4.04
C THR A 248 14.87 0.55 -3.33
N VAL A 249 15.50 -0.38 -4.03
CA VAL A 249 15.63 -1.73 -3.53
C VAL A 249 17.06 -2.18 -3.39
N VAL A 250 17.38 -2.78 -2.23
CA VAL A 250 18.69 -3.35 -1.96
C VAL A 250 18.53 -4.88 -1.86
N LEU A 251 19.13 -5.59 -2.84
CA LEU A 251 19.22 -7.05 -2.86
C LEU A 251 20.57 -7.40 -2.25
N ARG A 252 20.57 -7.97 -1.05
CA ARG A 252 21.79 -8.29 -0.33
C ARG A 252 22.41 -9.58 -0.80
N ASN A 253 23.74 -9.71 -0.61
CA ASN A 253 24.52 -10.89 -0.94
C ASN A 253 24.23 -11.49 -2.34
N ILE A 254 24.39 -10.66 -3.38
CA ILE A 254 24.14 -11.14 -4.75
C ILE A 254 25.21 -12.12 -5.18
N THR A 255 24.81 -13.22 -5.84
CA THR A 255 25.78 -14.22 -6.30
C THR A 255 26.11 -13.97 -7.78
N GLY A 256 25.46 -12.98 -8.37
CA GLY A 256 25.66 -12.63 -9.77
C GLY A 256 26.95 -11.92 -10.09
N THR A 257 27.44 -12.17 -11.32
CA THR A 257 28.65 -11.53 -11.85
C THR A 257 28.21 -10.17 -12.40
N ASP A 258 29.19 -9.32 -12.77
CA ASP A 258 28.93 -8.00 -13.37
C ASP A 258 28.24 -8.12 -14.74
N ASP A 259 28.51 -9.22 -15.47
CA ASP A 259 27.94 -9.54 -16.77
C ASP A 259 26.47 -9.89 -16.60
N GLN A 260 26.15 -10.73 -15.59
CA GLN A 260 24.80 -11.17 -15.24
C GLN A 260 23.90 -9.99 -14.82
N VAL A 261 24.41 -9.12 -13.94
CA VAL A 261 23.72 -7.92 -13.41
C VAL A 261 23.38 -6.97 -14.57
N GLN A 262 24.41 -6.55 -15.36
CA GLN A 262 24.25 -5.62 -16.49
C GLN A 262 23.19 -6.12 -17.46
N GLN A 263 23.22 -7.41 -17.81
CA GLN A 263 22.27 -8.06 -18.71
C GLN A 263 20.85 -8.11 -18.11
N ALA A 264 20.75 -8.37 -16.78
CA ALA A 264 19.46 -8.42 -16.08
C ALA A 264 18.82 -7.02 -16.08
N ASN A 266 19.68 -4.24 -17.98
CA ASN A 266 19.47 -3.68 -19.33
C ASN A 266 18.16 -4.17 -19.90
N SER A 267 17.86 -5.46 -19.69
CA SER A 267 16.60 -6.06 -20.13
C SER A 267 15.42 -5.44 -19.39
N LEU A 268 15.53 -5.25 -18.06
CA LEU A 268 14.47 -4.62 -17.26
C LEU A 268 14.22 -3.16 -17.71
N LYS A 269 15.29 -2.43 -18.03
CA LYS A 269 15.21 -1.05 -18.49
C LYS A 269 14.61 -0.96 -19.91
N GLU A 270 14.98 -1.89 -20.81
CA GLU A 270 14.55 -1.87 -22.22
C GLU A 270 13.20 -2.50 -22.50
N ILE A 271 12.96 -3.70 -21.94
CA ILE A 271 11.71 -4.44 -22.15
C ILE A 271 10.86 -4.51 -20.88
N GLY A 272 11.48 -4.86 -19.76
CA GLY A 272 10.77 -4.94 -18.50
C GLY A 272 10.52 -6.33 -17.97
N PHE A 273 9.32 -6.54 -17.40
CA PHE A 273 8.94 -7.78 -16.74
C PHE A 273 7.48 -8.12 -17.01
N ILE A 274 7.15 -9.42 -16.87
CA ILE A 274 5.77 -9.91 -17.04
C ILE A 274 4.99 -9.44 -15.82
N ASN A 275 3.89 -8.73 -16.08
CA ASN A 275 3.04 -8.05 -15.12
C ASN A 275 2.17 -9.00 -14.24
N TYR A 276 2.73 -10.11 -13.75
CA TYR A 276 2.01 -11.06 -12.90
C TYR A 276 1.50 -10.43 -11.64
N TYR A 277 0.45 -11.03 -11.08
CA TYR A 277 0.01 -10.70 -9.74
C TYR A 277 0.97 -11.46 -8.84
N GLY A 278 1.61 -10.77 -7.90
CA GLY A 278 2.58 -11.36 -6.96
C GLY A 278 1.90 -12.25 -5.94
N GLN A 280 1.45 -11.98 -2.81
CA GLN A 280 0.66 -11.22 -1.84
C GLN A 280 -0.81 -11.26 -2.19
N ARG A 281 -1.13 -11.37 -3.51
CA ARG A 281 -2.50 -11.40 -4.01
C ARG A 281 -3.21 -12.69 -3.59
N PHE A 282 -2.44 -13.75 -3.32
CA PHE A 282 -2.92 -15.10 -3.02
C PHE A 282 -2.85 -15.51 -1.52
N GLY A 283 -2.58 -14.54 -0.65
CA GLY A 283 -2.53 -14.74 0.80
C GLY A 283 -1.16 -15.15 1.30
N ALA A 286 -1.93 -17.74 4.43
CA ALA A 286 -2.40 -18.85 5.27
C ALA A 286 -3.53 -19.63 4.57
N VAL A 287 -4.61 -18.93 4.17
CA VAL A 287 -5.78 -19.44 3.43
C VAL A 287 -5.51 -19.12 1.94
N PRO A 288 -5.38 -20.08 0.98
CA PRO A 288 -5.16 -19.68 -0.44
C PRO A 288 -6.44 -19.00 -0.97
N THR A 289 -6.41 -17.66 -1.00
CA THR A 289 -7.56 -16.79 -1.35
C THR A 289 -8.27 -17.12 -2.66
N TYR A 290 -7.56 -17.56 -3.72
CA TYR A 290 -8.20 -17.85 -5.00
C TYR A 290 -9.15 -19.04 -4.91
N GLN A 291 -8.86 -19.98 -3.99
CA GLN A 291 -9.67 -21.18 -3.76
C GLN A 291 -10.99 -20.83 -3.08
N VAL A 292 -10.96 -19.82 -2.17
CA VAL A 292 -12.18 -19.32 -1.52
C VAL A 292 -13.01 -18.64 -2.65
N GLY A 293 -12.36 -17.83 -3.47
CA GLY A 293 -12.98 -17.17 -4.62
C GLY A 293 -13.62 -18.17 -5.56
N ARG A 294 -12.91 -19.26 -5.87
CA ARG A 294 -13.48 -20.30 -6.75
C ARG A 294 -14.75 -20.90 -6.14
N ALA A 295 -14.67 -21.29 -4.85
CA ALA A 295 -15.79 -21.86 -4.11
C ALA A 295 -16.99 -20.89 -4.06
N ILE A 296 -16.73 -19.58 -3.91
CA ILE A 296 -17.80 -18.56 -3.93
C ILE A 296 -18.48 -18.58 -5.32
N LEU A 297 -17.66 -18.59 -6.39
CA LEU A 297 -18.20 -18.54 -7.76
C LEU A 297 -18.99 -19.79 -8.14
N GLN A 298 -18.64 -20.94 -7.53
CA GLN A 298 -19.32 -22.21 -7.77
C GLN A 298 -20.53 -22.35 -6.85
N ASN A 299 -20.74 -21.40 -5.88
CA ASN A 299 -21.80 -21.48 -4.88
C ASN A 299 -21.60 -22.71 -3.98
N SER A 300 -20.35 -23.06 -3.71
CA SER A 300 -19.99 -24.20 -2.87
C SER A 300 -19.71 -23.60 -1.49
N TRP A 301 -20.80 -23.19 -0.81
CA TRP A 301 -20.77 -22.43 0.44
C TRP A 301 -20.23 -23.18 1.67
N THR A 302 -20.41 -24.51 1.74
CA THR A 302 -19.86 -25.29 2.85
C THR A 302 -18.34 -25.22 2.76
N GLU A 303 -17.82 -25.38 1.53
CA GLU A 303 -16.42 -25.32 1.19
C GLU A 303 -15.83 -23.92 1.49
N VAL A 304 -16.57 -22.82 1.18
CA VAL A 304 -16.19 -21.43 1.50
C VAL A 304 -15.93 -21.33 3.02
N ASP A 306 -15.44 -23.84 5.29
CA ASP A 306 -14.34 -24.72 5.67
C ASP A 306 -12.99 -24.15 5.32
N LEU A 307 -12.83 -23.57 4.10
CA LEU A 307 -11.59 -22.94 3.65
C LEU A 307 -11.16 -21.80 4.59
N ILE A 308 -12.12 -21.00 5.12
CA ILE A 308 -11.79 -19.90 6.03
C ILE A 308 -11.56 -20.36 7.48
N LEU A 309 -12.37 -21.28 7.99
CA LEU A 309 -12.33 -21.65 9.39
C LEU A 309 -11.66 -22.98 9.79
N LYS A 310 -11.48 -23.94 8.88
CA LYS A 310 -10.89 -25.24 9.27
C LYS A 310 -9.36 -25.21 9.45
N PRO A 311 -8.77 -26.01 10.39
CA PRO A 311 -7.29 -26.01 10.56
C PRO A 311 -6.49 -26.36 9.30
N ARG A 312 -5.28 -25.75 9.14
CA ARG A 312 -4.37 -25.92 7.98
C ARG A 312 -2.88 -25.58 8.29
N SER A 313 -1.95 -26.05 7.42
CA SER A 313 -0.49 -25.87 7.53
C SER A 313 -0.04 -24.40 7.45
N GLY A 314 0.81 -23.99 8.40
CA GLY A 314 1.34 -22.64 8.49
C GLY A 314 0.34 -21.63 8.99
N LYS A 317 -0.14 -17.27 12.04
CA LYS A 317 -0.67 -16.46 13.14
C LYS A 317 -1.24 -17.37 14.21
N GLY A 318 -0.61 -17.35 15.38
CA GLY A 318 -0.95 -18.16 16.54
C GLY A 318 -2.42 -18.14 16.95
N TYR A 319 -2.98 -16.94 17.12
CA TYR A 319 -4.37 -16.77 17.55
C TYR A 319 -5.41 -17.36 16.56
N LEU A 320 -5.09 -17.37 15.25
CA LEU A 320 -5.96 -17.93 14.23
C LEU A 320 -5.96 -19.45 14.31
N VAL A 321 -4.80 -20.04 14.62
CA VAL A 321 -4.59 -21.48 14.84
C VAL A 321 -5.52 -21.98 15.96
N LYS A 322 -5.58 -21.24 17.10
CA LYS A 322 -6.43 -21.56 18.27
C LYS A 322 -7.93 -21.40 17.96
N CYS A 323 -8.29 -20.34 17.20
CA CYS A 323 -9.68 -20.08 16.81
C CYS A 323 -10.19 -21.20 15.91
N ARG A 324 -9.34 -21.64 14.97
CA ARG A 324 -9.67 -22.70 14.04
C ARG A 324 -9.75 -24.04 14.72
N GLU A 325 -8.94 -24.27 15.74
CA GLU A 325 -8.94 -25.51 16.53
C GLU A 325 -10.24 -25.60 17.34
N GLU A 326 -10.66 -24.47 17.95
CA GLU A 326 -11.89 -24.41 18.73
C GLU A 326 -13.12 -24.61 17.83
N TRP A 327 -13.08 -24.08 16.58
CA TRP A 327 -14.13 -24.22 15.58
C TRP A 327 -14.28 -25.68 15.15
N ALA A 328 -13.15 -26.33 14.78
CA ALA A 328 -13.13 -27.74 14.38
C ALA A 328 -13.69 -28.66 15.49
N LYS A 329 -13.40 -28.34 16.77
CA LYS A 329 -13.83 -29.11 17.93
C LYS A 329 -15.30 -28.90 18.31
N THR A 330 -15.81 -27.65 18.26
CA THR A 330 -17.17 -27.33 18.73
C THR A 330 -18.21 -26.97 17.67
N LYS A 331 -17.77 -26.50 16.50
CA LYS A 331 -18.61 -25.97 15.42
C LYS A 331 -19.61 -24.92 15.98
N ASP A 332 -19.16 -24.17 17.01
CA ASP A 332 -19.95 -23.17 17.71
C ASP A 332 -19.30 -21.80 17.56
N PRO A 333 -19.99 -20.86 16.86
CA PRO A 333 -19.40 -19.53 16.63
C PRO A 333 -18.99 -18.78 17.88
N THR A 334 -19.85 -18.78 18.90
CA THR A 334 -19.62 -18.16 20.21
C THR A 334 -18.34 -18.71 20.89
N ALA A 335 -18.12 -20.04 20.86
CA ALA A 335 -16.93 -20.70 21.45
C ALA A 335 -15.65 -20.35 20.70
N ALA A 336 -15.71 -20.28 19.34
CA ALA A 336 -14.53 -19.92 18.53
C ALA A 336 -14.20 -18.42 18.61
N LEU A 337 -15.22 -17.57 18.83
CA LEU A 337 -15.01 -16.11 18.96
C LEU A 337 -14.25 -15.76 20.22
N ARG A 338 -14.37 -16.59 21.27
CA ARG A 338 -13.65 -16.42 22.52
C ARG A 338 -12.13 -16.46 22.30
N LYS A 339 -11.67 -17.23 21.29
CA LYS A 339 -10.25 -17.41 20.95
C LYS A 339 -9.68 -16.32 20.05
N LEU A 340 -10.50 -15.34 19.63
CA LEU A 340 -10.03 -14.25 18.76
C LEU A 340 -9.73 -12.94 19.51
N PRO A 341 -8.45 -12.51 19.59
CA PRO A 341 -8.13 -11.25 20.27
C PRO A 341 -8.40 -10.00 19.44
N VAL A 342 -8.61 -10.17 18.13
CA VAL A 342 -8.84 -9.08 17.18
C VAL A 342 -10.31 -9.09 16.72
N LYS A 343 -10.97 -7.90 16.76
CA LYS A 343 -12.37 -7.72 16.35
C LYS A 343 -12.54 -7.73 14.84
N ARG A 344 -11.78 -6.88 14.13
CA ARG A 344 -11.89 -6.79 12.70
C ARG A 344 -10.90 -7.71 11.96
N CYS A 345 -11.35 -8.96 11.73
CA CYS A 345 -10.66 -10.00 10.95
C CYS A 345 -11.75 -10.84 10.31
N VAL A 346 -11.48 -11.42 9.13
CA VAL A 346 -12.45 -12.17 8.33
C VAL A 346 -13.07 -13.34 9.09
N GLU A 347 -12.27 -14.05 9.92
CA GLU A 347 -12.73 -15.18 10.70
C GLU A 347 -13.78 -14.75 11.72
N GLY A 348 -13.53 -13.62 12.40
CA GLY A 348 -14.45 -13.08 13.40
C GLY A 348 -15.77 -12.64 12.82
N GLN A 349 -15.71 -11.93 11.68
CA GLN A 349 -16.89 -11.44 10.96
C GLN A 349 -17.74 -12.61 10.47
N LEU A 350 -17.10 -13.65 9.89
CA LEU A 350 -17.82 -14.86 9.46
C LEU A 350 -18.43 -15.58 10.67
N LEU A 351 -17.67 -15.70 11.79
CA LEU A 351 -18.18 -16.34 13.02
C LEU A 351 -19.39 -15.60 13.58
N ARG A 352 -19.37 -14.25 13.54
CA ARG A 352 -20.51 -13.40 13.94
C ARG A 352 -21.70 -13.59 13.00
N GLY A 353 -21.43 -13.76 11.70
CA GLY A 353 -22.46 -14.05 10.71
C GLY A 353 -23.09 -15.41 10.92
N LEU A 354 -22.28 -16.44 11.26
CA LEU A 354 -22.78 -17.79 11.52
C LEU A 354 -23.60 -17.83 12.80
N SER A 355 -23.21 -17.04 13.80
CA SER A 355 -23.97 -16.93 15.07
C SER A 355 -25.38 -16.34 14.78
N LYS A 356 -25.48 -15.38 13.85
CA LYS A 356 -26.72 -14.73 13.45
C LYS A 356 -27.64 -15.62 12.56
N TYR A 357 -27.11 -16.17 11.45
CA TYR A 357 -27.88 -16.93 10.46
C TYR A 357 -27.81 -18.45 10.53
N GLY A 358 -26.68 -18.98 11.04
CA GLY A 358 -26.48 -20.42 11.13
C GLY A 358 -25.82 -21.06 9.93
N LYS A 360 -26.93 -23.29 7.91
CA LYS A 360 -27.81 -23.63 6.80
C LYS A 360 -28.09 -22.42 5.90
N ASN A 361 -27.41 -21.30 6.19
CA ASN A 361 -27.51 -20.03 5.47
C ASN A 361 -26.12 -19.34 5.49
N ILE A 362 -25.12 -20.01 4.92
CA ILE A 362 -23.73 -19.52 4.85
C ILE A 362 -23.64 -18.28 3.91
N VAL A 363 -24.54 -18.17 2.91
CA VAL A 363 -24.62 -16.99 2.02
C VAL A 363 -24.77 -15.73 2.88
N SER A 364 -25.82 -15.67 3.72
CA SER A 364 -26.07 -14.51 4.59
C SER A 364 -25.01 -14.33 5.69
N ALA A 365 -24.52 -15.44 6.27
CA ALA A 365 -23.49 -15.42 7.32
C ALA A 365 -22.17 -14.79 6.78
N PHE A 366 -21.77 -15.23 5.56
CA PHE A 366 -20.59 -14.74 4.87
C PHE A 366 -20.82 -13.28 4.41
N GLY A 367 -22.05 -12.95 4.02
CA GLY A 367 -22.45 -11.62 3.58
C GLY A 367 -22.23 -10.50 4.58
N ILE A 368 -22.01 -10.85 5.86
CA ILE A 368 -21.77 -9.95 6.98
C ILE A 368 -20.38 -9.30 6.88
N ILE A 369 -19.40 -10.04 6.32
CA ILE A 369 -18.02 -9.58 6.10
C ILE A 369 -18.11 -8.28 5.24
N PRO A 370 -17.31 -7.21 5.50
CA PRO A 370 -17.38 -6.01 4.64
C PRO A 370 -17.18 -6.40 3.18
N ARG A 371 -17.93 -5.76 2.29
CA ARG A 371 -17.93 -6.01 0.85
C ARG A 371 -16.54 -6.08 0.25
N ASN A 372 -15.65 -5.15 0.63
CA ASN A 372 -14.27 -5.09 0.14
C ASN A 372 -13.47 -6.35 0.43
N ASN A 373 -13.64 -6.93 1.62
CA ASN A 373 -12.94 -8.15 1.97
C ASN A 373 -13.50 -9.38 1.21
N ARG A 374 -14.81 -9.38 0.87
CA ARG A 374 -15.47 -10.46 0.14
C ARG A 374 -15.04 -10.47 -1.33
N LEU A 375 -15.02 -9.28 -2.00
CA LEU A 375 -14.60 -9.13 -3.40
C LEU A 375 -13.12 -9.55 -3.61
N TYR A 377 -11.48 -12.12 -2.49
CA TYR A 377 -11.43 -13.58 -2.80
C TYR A 377 -11.72 -13.85 -4.31
N ILE A 378 -12.80 -13.28 -4.82
CA ILE A 378 -13.22 -13.51 -6.21
C ILE A 378 -12.25 -12.77 -7.15
N HIS A 379 -11.66 -11.62 -6.71
CA HIS A 379 -10.66 -10.93 -7.52
C HIS A 379 -9.37 -11.73 -7.58
N SER A 380 -8.98 -12.39 -6.48
CA SER A 380 -7.75 -13.19 -6.52
C SER A 380 -7.97 -14.46 -7.34
N TYR A 381 -9.23 -14.92 -7.52
CA TYR A 381 -9.50 -16.05 -8.41
C TYR A 381 -9.28 -15.56 -9.85
N GLN A 382 -9.77 -14.35 -10.18
CA GLN A 382 -9.59 -13.73 -11.51
C GLN A 382 -8.10 -13.56 -11.76
N SER A 383 -7.34 -13.18 -10.71
CA SER A 383 -5.89 -13.01 -10.77
C SER A 383 -5.15 -14.32 -11.04
N TYR A 384 -5.62 -15.42 -10.42
CA TYR A 384 -5.09 -16.77 -10.60
C TYR A 384 -5.22 -17.23 -12.08
N VAL A 385 -6.40 -17.00 -12.66
CA VAL A 385 -6.71 -17.37 -14.05
C VAL A 385 -5.86 -16.52 -14.99
N TRP A 386 -5.77 -15.20 -14.71
CA TRP A 386 -5.00 -14.25 -15.48
C TRP A 386 -3.53 -14.62 -15.54
N ASN A 387 -2.87 -14.91 -14.39
CA ASN A 387 -1.45 -15.33 -14.35
C ASN A 387 -1.21 -16.58 -15.23
N ASN A 388 -2.12 -17.54 -15.14
CA ASN A 388 -2.03 -18.76 -15.95
C ASN A 388 -2.19 -18.49 -17.46
N VAL A 390 -1.66 -15.58 -19.16
CA VAL A 390 -0.51 -14.80 -19.58
C VAL A 390 0.70 -15.69 -19.84
N SER A 391 1.01 -16.63 -18.90
CA SER A 391 2.09 -17.61 -19.05
C SER A 391 1.89 -18.48 -20.30
N LYS A 392 0.64 -18.88 -20.61
CA LYS A 392 0.29 -19.63 -21.80
C LYS A 392 0.45 -18.76 -23.05
N ARG A 393 0.03 -17.48 -22.97
CA ARG A 393 0.15 -16.50 -24.07
C ARG A 393 1.65 -16.26 -24.43
N ILE A 394 2.53 -16.15 -23.42
CA ILE A 394 3.97 -15.96 -23.63
C ILE A 394 4.55 -17.22 -24.27
N GLU A 395 4.24 -18.38 -23.68
CA GLU A 395 4.74 -19.66 -24.17
C GLU A 395 4.34 -19.92 -25.61
N ASP A 396 3.08 -19.66 -25.97
CA ASP A 396 2.59 -19.94 -27.33
C ASP A 396 2.90 -18.88 -28.39
N TYR A 397 3.01 -17.57 -28.05
CA TYR A 397 3.27 -16.56 -29.10
C TYR A 397 4.52 -15.69 -28.90
N GLY A 398 5.13 -15.78 -27.72
CA GLY A 398 6.33 -15.01 -27.42
C GLY A 398 6.06 -13.58 -26.97
N LEU A 399 7.12 -12.77 -26.95
CA LEU A 399 7.07 -11.38 -26.50
C LEU A 399 6.87 -10.37 -27.63
N LYS A 400 6.06 -10.77 -28.61
CA LYS A 400 5.71 -9.89 -29.70
C LYS A 400 4.20 -9.80 -29.79
N PRO A 401 3.65 -8.64 -30.19
CA PRO A 401 2.21 -8.57 -30.43
C PRO A 401 1.90 -9.45 -31.63
N VAL A 402 0.81 -10.23 -31.55
CA VAL A 402 0.37 -11.13 -32.61
C VAL A 402 -1.05 -10.77 -33.04
N PRO A 403 -1.45 -11.04 -34.31
CA PRO A 403 -2.86 -10.79 -34.70
C PRO A 403 -3.80 -11.56 -33.77
N GLY A 404 -4.90 -10.93 -33.39
CA GLY A 404 -5.83 -11.55 -32.46
C GLY A 404 -5.66 -11.00 -31.06
N ASP A 405 -4.50 -10.41 -30.74
CA ASP A 405 -4.24 -9.81 -29.42
C ASP A 405 -5.12 -8.58 -29.20
N LEU A 406 -5.43 -8.32 -27.93
CA LEU A 406 -6.11 -7.12 -27.53
C LEU A 406 -5.03 -6.06 -27.23
N VAL A 407 -5.32 -4.80 -27.57
CA VAL A 407 -4.49 -3.63 -27.29
C VAL A 407 -5.32 -2.55 -26.58
N LEU A 408 -4.65 -1.65 -25.85
CA LEU A 408 -5.34 -0.56 -25.17
C LEU A 408 -4.97 0.79 -25.82
N LYS A 409 -5.90 1.38 -26.59
CA LYS A 409 -5.73 2.67 -27.28
C LYS A 409 -6.34 3.77 -26.38
N GLY A 410 -5.63 4.08 -25.30
CA GLY A 410 -6.06 5.01 -24.27
C GLY A 410 -6.84 4.27 -23.20
N ALA A 411 -8.17 4.37 -23.24
CA ALA A 411 -9.06 3.63 -22.34
C ALA A 411 -9.95 2.66 -23.13
N THR A 412 -9.78 2.58 -24.46
CA THR A 412 -10.57 1.64 -25.25
C THR A 412 -9.74 0.41 -25.65
N ALA A 413 -10.37 -0.78 -25.50
CA ALA A 413 -9.78 -2.06 -25.85
C ALA A 413 -10.20 -2.47 -27.26
N THR A 414 -9.23 -2.85 -28.11
CA THR A 414 -9.52 -3.28 -29.49
C THR A 414 -8.54 -4.39 -29.93
N TYR A 415 -8.75 -4.95 -31.15
CA TYR A 415 -7.93 -6.03 -31.69
C TYR A 415 -6.78 -5.64 -32.61
N ILE A 416 -5.70 -6.46 -32.59
CA ILE A 416 -4.60 -6.38 -33.54
C ILE A 416 -5.02 -7.30 -34.68
N GLU A 417 -4.99 -6.81 -35.92
CA GLU A 417 -5.32 -7.62 -37.11
C GLU A 417 -4.01 -7.98 -37.84
N GLU A 418 -4.08 -8.89 -38.82
CA GLU A 418 -2.94 -9.34 -39.62
C GLU A 418 -2.14 -8.18 -40.25
N ASP A 419 -2.84 -7.16 -40.79
CA ASP A 419 -2.26 -6.02 -41.50
C ASP A 419 -1.65 -4.91 -40.64
N ASP A 420 -2.15 -4.66 -39.40
CA ASP A 420 -1.64 -3.59 -38.54
C ASP A 420 -0.78 -4.08 -37.36
N VAL A 421 -0.31 -5.36 -37.42
CA VAL A 421 0.51 -6.03 -36.40
C VAL A 421 1.78 -5.28 -36.01
N ASN A 422 2.47 -4.68 -36.99
CA ASN A 422 3.73 -3.98 -36.78
C ASN A 422 3.60 -2.56 -36.22
N ASN A 423 2.37 -2.02 -36.12
CA ASN A 423 2.11 -0.68 -35.57
C ASN A 423 2.13 -0.67 -34.02
N TYR A 424 2.02 -1.85 -33.41
CA TYR A 424 1.97 -2.02 -31.95
C TYR A 424 3.22 -2.66 -31.37
N SER A 425 3.48 -2.41 -30.09
CA SER A 425 4.57 -3.04 -29.34
C SER A 425 3.95 -3.96 -28.28
N ILE A 426 4.77 -4.84 -27.69
CA ILE A 426 4.30 -5.77 -26.65
C ILE A 426 3.75 -5.00 -25.43
N HIS A 427 4.21 -3.75 -25.22
CA HIS A 427 3.78 -2.86 -24.14
C HIS A 427 2.34 -2.34 -24.27
N ASP A 428 1.70 -2.53 -25.44
CA ASP A 428 0.30 -2.14 -25.69
C ASP A 428 -0.65 -3.32 -25.45
N VAL A 429 -0.13 -4.54 -25.39
CA VAL A 429 -0.93 -5.76 -25.26
C VAL A 429 -1.54 -5.92 -23.86
N VAL A 430 -2.86 -6.23 -23.85
CA VAL A 430 -3.65 -6.48 -22.68
C VAL A 430 -4.30 -7.85 -22.77
N PRO A 432 -7.63 -9.97 -20.63
CA PRO A 432 -8.71 -9.72 -19.68
C PRO A 432 -8.74 -10.54 -18.40
N LEU A 433 -9.18 -9.89 -17.33
CA LEU A 433 -9.52 -10.57 -16.09
C LEU A 433 -10.95 -11.09 -16.42
N PRO A 434 -11.26 -12.39 -16.26
CA PRO A 434 -12.56 -12.88 -16.76
C PRO A 434 -13.79 -12.30 -16.05
N GLY A 435 -14.80 -11.99 -16.86
CA GLY A 435 -16.05 -11.42 -16.40
C GLY A 435 -17.06 -11.32 -17.52
N PHE A 436 -18.27 -10.84 -17.22
CA PHE A 436 -19.37 -10.79 -18.21
C PHE A 436 -19.25 -9.66 -19.25
N ASP A 437 -18.51 -8.61 -18.93
CA ASP A 437 -18.36 -7.42 -19.77
C ASP A 437 -17.13 -7.35 -20.68
N VAL A 438 -16.14 -8.25 -20.53
CA VAL A 438 -14.93 -8.17 -21.35
C VAL A 438 -14.99 -8.95 -22.67
N ILE A 439 -14.13 -8.57 -23.61
CA ILE A 439 -13.88 -9.31 -24.85
C ILE A 439 -12.56 -10.07 -24.63
N TYR A 440 -12.37 -11.15 -25.40
CA TYR A 440 -11.21 -12.01 -25.31
C TYR A 440 -10.39 -11.93 -26.59
N PRO A 441 -9.06 -12.20 -26.53
CA PRO A 441 -8.27 -12.21 -27.78
C PRO A 441 -8.81 -13.23 -28.79
N LYS A 442 -8.68 -12.90 -30.08
CA LYS A 442 -9.14 -13.71 -31.22
C LYS A 442 -8.20 -14.87 -31.59
N HIS A 443 -7.21 -15.16 -30.77
CA HIS A 443 -6.31 -16.29 -31.03
C HIS A 443 -6.63 -17.44 -30.07
N LYS A 444 -5.78 -18.46 -30.00
CA LYS A 444 -5.98 -19.67 -29.20
C LYS A 444 -6.10 -19.49 -27.71
N ILE A 445 -5.69 -18.34 -27.12
CA ILE A 445 -5.78 -18.14 -25.67
C ILE A 445 -7.26 -18.06 -25.22
N GLN A 446 -8.16 -17.60 -26.11
CA GLN A 446 -9.62 -17.55 -25.86
C GLN A 446 -10.13 -18.96 -25.51
N GLU A 447 -9.65 -19.98 -26.26
CA GLU A 447 -9.92 -21.41 -26.04
C GLU A 447 -9.36 -21.87 -24.68
N ALA A 448 -8.17 -21.38 -24.27
CA ALA A 448 -7.54 -21.69 -22.98
C ALA A 448 -8.29 -21.08 -21.80
N TYR A 449 -8.84 -19.86 -21.95
CA TYR A 449 -9.66 -19.18 -20.92
C TYR A 449 -10.92 -20.02 -20.69
N ARG A 450 -11.58 -20.46 -21.79
CA ARG A 450 -12.79 -21.29 -21.76
C ARG A 450 -12.55 -22.62 -21.06
N GLU A 451 -11.43 -23.28 -21.35
CA GLU A 451 -11.03 -24.55 -20.74
C GLU A 451 -10.79 -24.41 -19.23
N LEU A 453 -11.86 -22.02 -17.13
CA LEU A 453 -13.13 -21.72 -16.48
C LEU A 453 -14.07 -22.94 -16.42
N THR A 454 -14.18 -23.72 -17.53
CA THR A 454 -14.96 -24.99 -17.57
C THR A 454 -14.42 -26.01 -16.56
N ALA A 455 -13.09 -26.09 -16.36
CA ALA A 455 -12.45 -27.00 -15.40
C ALA A 455 -12.93 -26.70 -13.96
N ASP A 456 -13.44 -25.47 -13.70
CA ASP A 456 -13.98 -25.03 -12.39
C ASP A 456 -15.51 -24.91 -12.43
N ASN A 457 -16.13 -25.54 -13.43
CA ASN A 457 -17.59 -25.55 -13.65
C ASN A 457 -18.17 -24.12 -13.86
N LEU A 458 -17.33 -23.20 -14.35
CA LEU A 458 -17.76 -21.83 -14.65
C LEU A 458 -17.92 -21.66 -16.15
N ASP A 459 -18.81 -20.77 -16.57
CA ASP A 459 -19.16 -20.54 -17.96
C ASP A 459 -18.66 -19.18 -18.41
N ILE A 460 -17.72 -19.19 -19.36
CA ILE A 460 -17.13 -17.98 -19.93
C ILE A 460 -18.20 -17.12 -20.63
N ASP A 461 -19.21 -17.75 -21.19
CA ASP A 461 -20.30 -17.12 -21.93
C ASP A 461 -21.28 -16.41 -21.01
N ASN A 462 -21.32 -16.79 -19.72
CA ASN A 462 -22.16 -16.17 -18.70
C ASN A 462 -21.50 -16.19 -17.34
N ARG A 464 -22.01 -14.30 -14.88
N ARG A 464 -22.02 -14.29 -14.88
CA ARG A 464 -22.93 -13.63 -13.96
CA ARG A 464 -22.95 -13.60 -13.97
C ARG A 464 -23.17 -14.57 -12.80
C ARG A 464 -23.29 -14.53 -12.81
N HIS A 465 -23.22 -14.03 -11.59
CA HIS A 465 -23.47 -14.85 -10.42
C HIS A 465 -24.91 -14.67 -10.05
N LYS A 466 -25.55 -15.63 -9.36
CA LYS A 466 -26.93 -15.44 -8.93
C LYS A 466 -27.01 -14.32 -7.86
N ILE A 467 -25.92 -14.14 -7.08
CA ILE A 467 -25.76 -13.08 -6.06
C ILE A 467 -24.94 -11.92 -6.68
N ARG A 468 -25.56 -10.74 -6.79
CA ARG A 468 -25.05 -9.50 -7.36
C ARG A 468 -23.60 -9.14 -6.99
N ASP A 469 -23.25 -9.28 -5.71
CA ASP A 469 -21.92 -8.98 -5.19
C ASP A 469 -20.84 -9.83 -5.82
N TYR A 470 -21.19 -11.04 -6.32
CA TYR A 470 -20.17 -11.96 -6.88
C TYR A 470 -20.16 -12.06 -8.38
N SER A 471 -20.85 -11.14 -9.05
CA SER A 471 -20.90 -11.01 -10.51
C SER A 471 -19.67 -10.23 -10.91
N LEU A 472 -18.85 -10.77 -11.79
CA LEU A 472 -17.62 -10.10 -12.21
C LEU A 472 -17.78 -9.55 -13.60
N SER A 473 -17.57 -8.24 -13.78
CA SER A 473 -17.66 -7.62 -15.10
C SER A 473 -16.38 -7.88 -15.91
N GLY A 474 -15.25 -8.01 -15.21
CA GLY A 474 -13.93 -8.20 -15.78
C GLY A 474 -13.26 -6.87 -16.06
N ALA A 475 -11.98 -6.87 -16.43
CA ALA A 475 -11.19 -5.67 -16.77
C ALA A 475 -10.01 -6.10 -17.64
N TYR A 476 -9.15 -5.15 -18.05
CA TYR A 476 -7.98 -5.44 -18.87
C TYR A 476 -6.74 -5.06 -18.13
N ARG A 477 -5.71 -5.88 -18.28
CA ARG A 477 -4.43 -5.68 -17.63
C ARG A 477 -3.31 -5.92 -18.63
N LYS A 478 -2.31 -5.02 -18.61
CA LYS A 478 -1.11 -5.11 -19.44
C LYS A 478 -0.32 -6.36 -19.05
N ILE A 479 0.21 -7.08 -20.06
CA ILE A 479 0.97 -8.31 -19.84
C ILE A 479 2.43 -8.03 -19.51
N ILE A 480 3.01 -6.95 -20.08
CA ILE A 480 4.40 -6.57 -19.82
C ILE A 480 4.48 -5.13 -19.38
N ILE A 481 5.26 -4.86 -18.33
CA ILE A 481 5.45 -3.51 -17.82
C ILE A 481 6.92 -3.10 -17.97
N ARG A 482 7.15 -1.96 -18.61
CA ARG A 482 8.52 -1.44 -18.69
C ARG A 482 8.67 -0.43 -17.53
N PRO A 483 9.46 -0.72 -16.47
CA PRO A 483 9.61 0.26 -15.38
C PRO A 483 10.30 1.53 -15.91
N GLN A 484 9.99 2.68 -15.29
CA GLN A 484 10.59 3.95 -15.67
C GLN A 484 11.63 4.39 -14.67
N ASN A 485 12.50 5.32 -15.10
CA ASN A 485 13.59 5.92 -14.31
C ASN A 485 14.41 4.84 -13.61
N VAL A 486 14.87 3.87 -14.38
CA VAL A 486 15.65 2.74 -13.91
C VAL A 486 17.11 3.11 -13.78
N SER A 487 17.68 2.85 -12.59
CA SER A 487 19.10 3.03 -12.30
C SER A 487 19.52 1.99 -11.29
N TRP A 488 20.79 1.61 -11.31
CA TRP A 488 21.35 0.57 -10.46
C TRP A 488 22.85 0.74 -10.26
N GLU A 489 23.36 0.06 -9.23
CA GLU A 489 24.78 -0.04 -8.89
C GLU A 489 25.03 -1.24 -8.00
N VAL A 490 26.16 -1.91 -8.21
CA VAL A 490 26.60 -3.01 -7.37
C VAL A 490 27.45 -2.38 -6.25
N VAL A 491 27.08 -2.65 -4.99
CA VAL A 491 27.76 -2.07 -3.84
C VAL A 491 28.46 -3.15 -3.05
N ALA A 492 29.78 -2.95 -2.77
CA ALA A 492 30.57 -3.84 -1.94
C ALA A 492 30.35 -3.48 -0.47
N TYR A 493 30.08 -4.47 0.39
CA TYR A 493 29.83 -4.22 1.81
C TYR A 493 30.35 -5.36 2.72
N ASP A 494 30.48 -5.10 4.04
CA ASP A 494 30.93 -6.09 5.02
C ASP A 494 29.87 -6.40 6.06
N ASP A 495 29.12 -5.38 6.51
CA ASP A 495 28.08 -5.53 7.53
C ASP A 495 26.66 -5.37 6.94
N PRO A 496 25.79 -6.40 7.09
CA PRO A 496 24.41 -6.32 6.57
C PRO A 496 23.49 -5.29 7.22
N LYS A 497 23.69 -5.00 8.53
CA LYS A 497 22.93 -4.02 9.34
C LYS A 497 23.00 -2.59 8.75
N ILE A 498 24.19 -2.22 8.18
CA ILE A 498 24.48 -0.90 7.62
C ILE A 498 23.63 -0.60 6.36
N PRO A 499 22.73 0.40 6.43
CA PRO A 499 21.91 0.74 5.24
C PRO A 499 22.78 1.36 4.15
N LEU A 500 22.45 1.08 2.90
CA LEU A 500 23.21 1.56 1.75
C LEU A 500 22.80 2.93 1.24
N PHE A 501 21.76 3.54 1.83
CA PHE A 501 21.28 4.87 1.45
C PHE A 501 20.45 5.49 2.56
N ASN A 502 20.33 6.83 2.53
CA ASN A 502 19.54 7.55 3.53
C ASN A 502 18.06 7.50 3.21
N THR A 503 17.25 7.49 4.27
CA THR A 503 15.80 7.58 4.16
C THR A 503 15.49 9.09 4.31
N ASP A 504 14.22 9.48 4.17
CA ASP A 504 13.76 10.87 4.32
C ASP A 504 14.04 11.42 5.74
N VAL A 505 13.87 10.57 6.78
CA VAL A 505 14.07 10.92 8.21
C VAL A 505 15.58 11.06 8.52
N ASP A 506 16.45 10.26 7.85
CA ASP A 506 17.91 10.34 8.00
C ASP A 506 18.37 11.71 7.49
N ASN A 507 17.87 12.09 6.29
CA ASN A 507 18.14 13.39 5.69
C ASN A 507 17.63 14.54 6.58
N LEU A 508 16.42 14.42 7.18
CA LEU A 508 15.88 15.44 8.09
C LEU A 508 16.76 15.64 9.36
N GLU A 509 17.24 14.53 9.93
CA GLU A 509 18.09 14.48 11.13
C GLU A 509 19.57 14.77 10.81
N GLY A 510 19.88 14.91 9.52
CA GLY A 510 21.22 15.22 9.04
C GLY A 510 22.19 14.09 9.27
N LYS A 511 21.77 12.87 8.93
CA LYS A 511 22.61 11.69 9.06
C LYS A 511 23.55 11.70 7.86
N THR A 512 24.79 11.28 8.12
CA THR A 512 25.87 11.19 7.14
C THR A 512 25.48 10.22 5.99
N PRO A 513 25.44 10.71 4.72
CA PRO A 513 25.09 9.81 3.59
C PRO A 513 26.07 8.64 3.49
N PRO A 514 25.61 7.38 3.24
CA PRO A 514 26.54 6.26 3.19
C PRO A 514 27.52 6.30 2.03
N VAL A 515 28.79 6.05 2.36
CA VAL A 515 29.91 5.97 1.44
C VAL A 515 30.40 4.53 1.53
N PHE A 516 30.68 3.92 0.37
CA PHE A 516 31.14 2.53 0.36
C PHE A 516 32.44 2.32 -0.39
N ALA A 517 33.24 1.33 0.06
CA ALA A 517 34.51 0.93 -0.56
C ALA A 517 34.27 0.23 -1.92
N SER A 518 35.31 0.20 -2.79
CA SER A 518 35.24 -0.41 -4.13
C SER A 518 35.25 -1.96 -4.09
N GLU A 519 35.65 -2.55 -2.94
CA GLU A 519 35.73 -3.99 -2.69
C GLU A 519 35.33 -4.28 -1.24
N GLY A 520 34.76 -5.46 -1.04
CA GLY A 520 34.30 -5.94 0.27
C GLY A 520 34.02 -7.43 0.27
N LYS A 521 33.51 -7.93 1.40
CA LYS A 521 33.21 -9.36 1.58
C LYS A 521 31.96 -9.74 0.77
N TYR A 522 30.89 -8.95 0.93
CA TYR A 522 29.61 -9.19 0.26
C TYR A 522 29.39 -8.19 -0.88
N ARG A 523 28.43 -8.51 -1.77
CA ARG A 523 28.01 -7.66 -2.88
C ARG A 523 26.49 -7.44 -2.81
N ALA A 524 26.03 -6.20 -3.04
CA ALA A 524 24.60 -5.89 -3.06
C ALA A 524 24.18 -5.25 -4.36
N LEU A 525 22.95 -5.53 -4.84
CA LEU A 525 22.42 -4.88 -6.05
C LEU A 525 21.42 -3.88 -5.56
N LYS A 526 21.73 -2.58 -5.76
CA LYS A 526 20.91 -1.44 -5.37
C LYS A 526 20.27 -0.93 -6.63
N ASP A 528 16.80 1.43 -8.47
CA ASP A 528 15.79 2.47 -8.43
C ASP A 528 14.94 2.35 -9.69
N PHE A 529 13.61 2.28 -9.54
CA PHE A 529 12.67 2.16 -10.66
C PHE A 529 11.28 2.62 -10.21
N SER A 530 10.48 3.10 -11.18
CA SER A 530 9.12 3.58 -11.00
C SER A 530 8.17 2.62 -11.68
N LEU A 531 7.07 2.30 -11.01
CA LEU A 531 6.06 1.38 -11.54
C LEU A 531 4.69 2.03 -11.56
N PRO A 532 3.77 1.60 -12.45
CA PRO A 532 2.40 2.15 -12.46
C PRO A 532 1.59 1.55 -11.31
N PRO A 533 0.32 1.93 -11.07
CA PRO A 533 -0.43 1.28 -9.97
C PRO A 533 -0.81 -0.18 -10.33
N SER A 534 -1.12 -1.03 -9.33
CA SER A 534 -1.58 -2.42 -9.53
C SER A 534 -0.47 -3.35 -10.07
N THR A 535 0.77 -2.95 -9.86
CA THR A 535 1.99 -3.61 -10.31
C THR A 535 2.72 -4.08 -9.05
N TYR A 536 3.47 -5.20 -9.13
CA TYR A 536 4.17 -5.77 -7.98
C TYR A 536 5.66 -5.65 -8.16
N ALA A 537 6.34 -4.91 -7.27
CA ALA A 537 7.82 -4.79 -7.30
C ALA A 537 8.52 -6.16 -7.22
N THR A 538 7.91 -7.13 -6.51
CA THR A 538 8.44 -8.50 -6.38
C THR A 538 8.49 -9.16 -7.75
N ALA A 540 9.07 -7.50 -10.58
CA ALA A 540 10.21 -6.83 -11.26
C ALA A 540 11.51 -7.45 -10.77
N ILE A 541 11.63 -7.73 -9.45
CA ILE A 541 12.83 -8.32 -8.82
C ILE A 541 12.98 -9.76 -9.27
N ARG A 542 11.87 -10.47 -9.36
CA ARG A 542 11.82 -11.85 -9.83
C ARG A 542 12.47 -11.97 -11.22
N GLU A 543 12.18 -11.03 -12.14
CA GLU A 543 12.72 -10.96 -13.50
C GLU A 543 14.23 -10.72 -13.51
N VAL A 544 14.73 -9.97 -12.53
CA VAL A 544 16.16 -9.67 -12.42
C VAL A 544 16.88 -10.90 -11.89
N LEU A 545 16.41 -11.49 -10.79
CA LEU A 545 17.07 -12.63 -10.17
C LEU A 545 16.83 -13.97 -10.87
N LYS A 546 15.65 -14.14 -11.53
CA LYS A 546 15.13 -15.37 -12.17
C LYS A 546 15.03 -16.51 -11.13
N ASP A 548 12.50 -17.97 -7.72
CA ASP A 548 11.14 -18.03 -7.19
C ASP A 548 10.99 -17.43 -5.80
N THR A 549 9.84 -16.76 -5.56
CA THR A 549 9.48 -16.09 -4.30
C THR A 549 8.88 -17.08 -3.30
N SER A 550 9.67 -17.41 -2.27
CA SER A 550 9.34 -18.33 -1.18
C SER A 550 9.59 -17.62 0.17
N ILE A 551 10.88 -17.40 0.53
CA ILE A 551 11.32 -16.72 1.76
C ILE A 551 12.74 -16.19 1.58
#